data_3VT6
#
_entry.id   3VT6
#
_cell.length_a   153.734
_cell.length_b   42.724
_cell.length_c   42.271
_cell.angle_alpha   90.00
_cell.angle_beta   95.55
_cell.angle_gamma   90.00
#
_symmetry.space_group_name_H-M   'C 1 2 1'
#
loop_
_entity.id
_entity.type
_entity.pdbx_description
1 polymer 'Vitamin D3 receptor'
2 polymer 'COACTIVATOR PEPTIDE DRIP'
3 non-polymer (1R,2Z,3R,5E,7E)-17-{(1S)-1-[(2-ethyl-2-hydroxybutyl)sulfanyl]ethyl}-2-(2-hydroxyethylidene)-9,10-secoestra-5,7,16-triene-1,3-diol
4 water water
#
loop_
_entity_poly.entity_id
_entity_poly.type
_entity_poly.pdbx_seq_one_letter_code
_entity_poly.pdbx_strand_id
1 'polypeptide(L)'
;GSHMGSPNSPLKDSLRPKLSEEQQHIIAILLDAHHKTYDPTYADFRDFRPPVRMDGSTGSVTLDLSPLSMLPHLADLVSY
SIQKVIGFAKMIPGFRDLTSDDQIVLLKSSAIEVIMLRSNQSFTMDDMSWDCGSQDYKYDVTDVSKAGHTLELIEPLIKF
QVGLKKLNLHEEEHVLLMAICIVSPDRPGVQDAKLVEAIQDRLSNTLQTYIRCRHPPPGSHQLYAKMIQKLADLRSLNEE
HSKQYRSLSFQPENSMKLTPLVLEVFGNEIS
;
A
2 'polypeptide(L)' KNHPMLMNLLKDN C
#
loop_
_chem_comp.id
_chem_comp.type
_chem_comp.name
_chem_comp.formula
5YI non-polymer (1R,2Z,3R,5E,7E)-17-{(1S)-1-[(2-ethyl-2-hydroxybutyl)sulfanyl]ethyl}-2-(2-hydroxyethylidene)-9,10-secoestra-5,7,16-triene-1,3-diol 'C28 H44 O4 S'
#
# COMPACT_ATOMS: atom_id res chain seq x y z
N LYS A 18 -26.27 11.41 -7.42
CA LYS A 18 -25.49 12.50 -6.77
C LYS A 18 -24.04 12.52 -7.26
N LEU A 19 -23.61 11.42 -7.87
CA LEU A 19 -22.28 11.33 -8.45
C LEU A 19 -22.18 12.20 -9.70
N SER A 20 -21.34 13.23 -9.65
CA SER A 20 -21.15 14.10 -10.80
C SER A 20 -20.46 13.32 -11.92
N GLU A 21 -20.25 13.99 -13.05
CA GLU A 21 -19.56 13.36 -14.17
C GLU A 21 -18.07 13.27 -13.89
N GLU A 22 -17.53 14.28 -13.22
CA GLU A 22 -16.12 14.32 -12.89
C GLU A 22 -15.76 13.20 -11.92
N GLN A 23 -16.65 12.93 -10.97
CA GLN A 23 -16.40 11.92 -9.95
C GLN A 23 -16.52 10.51 -10.50
N GLN A 24 -17.44 10.32 -11.46
CA GLN A 24 -17.54 9.04 -12.15
C GLN A 24 -16.32 8.85 -13.03
N HIS A 25 -15.68 9.95 -13.39
CA HIS A 25 -14.46 9.91 -14.19
C HIS A 25 -13.27 9.50 -13.32
N ILE A 26 -13.17 10.10 -12.14
CA ILE A 26 -12.10 9.80 -11.20
C ILE A 26 -12.10 8.33 -10.83
N ILE A 27 -13.28 7.74 -10.67
CA ILE A 27 -13.41 6.34 -10.29
C ILE A 27 -13.04 5.42 -11.45
N ALA A 28 -13.36 5.85 -12.67
CA ALA A 28 -13.00 5.10 -13.87
C ALA A 28 -11.48 5.10 -14.04
N ILE A 29 -10.85 6.23 -13.71
CA ILE A 29 -9.41 6.36 -13.82
C ILE A 29 -8.69 5.44 -12.84
N LEU A 30 -9.14 5.46 -11.59
CA LEU A 30 -8.47 4.72 -10.52
C LEU A 30 -8.67 3.22 -10.64
N LEU A 31 -9.83 2.80 -11.13
CA LEU A 31 -10.10 1.39 -11.38
C LEU A 31 -9.16 0.86 -12.45
N ASP A 32 -9.02 1.60 -13.54
CA ASP A 32 -8.14 1.21 -14.63
C ASP A 32 -6.68 1.24 -14.18
N ALA A 33 -6.31 2.29 -13.46
CA ALA A 33 -4.95 2.43 -12.96
C ALA A 33 -4.58 1.24 -12.10
N HIS A 34 -5.53 0.78 -11.29
CA HIS A 34 -5.29 -0.34 -10.40
C HIS A 34 -5.12 -1.63 -11.20
N HIS A 35 -6.00 -1.84 -12.17
CA HIS A 35 -5.99 -3.06 -12.95
C HIS A 35 -4.70 -3.20 -13.76
N LYS A 36 -4.08 -2.08 -14.07
CA LYS A 36 -2.82 -2.09 -14.82
C LYS A 36 -1.61 -2.25 -13.91
N THR A 37 -1.83 -2.09 -12.60
CA THR A 37 -0.73 -2.21 -11.65
C THR A 37 -0.95 -3.30 -10.60
N TYR A 38 -1.99 -4.10 -10.78
CA TYR A 38 -2.18 -5.29 -9.93
C TYR A 38 -2.62 -6.49 -10.76
N ASP A 39 -1.71 -7.44 -10.92
CA ASP A 39 -1.99 -8.67 -11.66
C ASP A 39 -2.46 -9.77 -10.71
N PRO A 40 -3.77 -10.07 -10.72
CA PRO A 40 -4.36 -11.10 -9.86
C PRO A 40 -3.97 -12.54 -10.20
N THR A 41 -3.18 -12.73 -11.26
CA THR A 41 -2.65 -14.05 -11.58
C THR A 41 -1.28 -14.23 -10.92
N TYR A 42 -0.71 -13.12 -10.46
CA TYR A 42 0.56 -13.16 -9.73
C TYR A 42 1.64 -13.87 -10.52
N ALA A 43 1.63 -13.68 -11.84
CA ALA A 43 2.55 -14.38 -12.72
C ALA A 43 4.01 -13.98 -12.49
N ASP A 44 4.22 -12.72 -12.11
CA ASP A 44 5.57 -12.17 -11.98
C ASP A 44 6.34 -12.74 -10.79
N PHE A 45 5.64 -13.37 -9.87
CA PHE A 45 6.26 -13.84 -8.64
C PHE A 45 7.37 -14.85 -8.89
N ARG A 46 7.43 -15.37 -10.11
CA ARG A 46 8.46 -16.34 -10.47
C ARG A 46 9.81 -15.65 -10.70
N ASP A 47 9.78 -14.33 -10.80
CA ASP A 47 11.01 -13.57 -11.01
C ASP A 47 11.74 -13.29 -9.69
N PHE A 48 11.00 -13.32 -8.60
CA PHE A 48 11.57 -13.00 -7.29
C PHE A 48 12.49 -14.11 -6.82
N ARG A 49 13.47 -13.77 -6.01
CA ARG A 49 14.29 -14.79 -5.37
C ARG A 49 13.37 -15.81 -4.72
N PRO A 50 13.71 -17.11 -4.82
CA PRO A 50 12.88 -18.16 -4.25
C PRO A 50 12.68 -18.06 -2.75
N PRO A 51 11.44 -18.28 -2.28
CA PRO A 51 11.16 -18.21 -0.84
C PRO A 51 11.71 -19.45 -0.13
N VAL A 52 12.26 -19.24 1.06
CA VAL A 52 12.82 -20.35 1.83
C VAL A 52 12.04 -20.56 3.13
N ARG A 53 11.45 -21.75 3.27
CA ARG A 53 10.77 -22.14 4.50
C ARG A 53 11.39 -23.41 5.06
N MET A 54 12.11 -23.28 6.16
CA MET A 54 12.81 -24.43 6.75
C MET A 54 12.21 -24.80 8.10
N SER A 66 16.76 -21.47 10.20
CA SER A 66 16.72 -20.61 8.99
C SER A 66 16.29 -19.18 9.32
N PRO A 67 17.19 -18.40 9.95
CA PRO A 67 16.86 -17.02 10.32
C PRO A 67 16.79 -16.10 9.10
N LEU A 68 15.67 -15.41 8.95
CA LEU A 68 15.47 -14.48 7.84
C LEU A 68 15.56 -15.19 6.49
N SER A 69 14.96 -16.38 6.41
CA SER A 69 14.99 -17.18 5.20
C SER A 69 13.99 -16.69 4.16
N MET A 70 13.02 -15.90 4.62
CA MET A 70 12.00 -15.34 3.73
C MET A 70 12.31 -13.90 3.33
N LEU A 71 13.40 -13.36 3.85
CA LEU A 71 13.73 -11.95 3.63
C LEU A 71 14.00 -11.63 2.16
N PRO A 72 14.86 -12.42 1.49
CA PRO A 72 15.15 -12.16 0.08
C PRO A 72 13.91 -12.20 -0.80
N HIS A 73 13.00 -13.12 -0.52
CA HIS A 73 11.82 -13.30 -1.35
C HIS A 73 10.80 -12.19 -1.14
N LEU A 74 10.53 -11.84 0.11
CA LEU A 74 9.55 -10.80 0.41
C LEU A 74 10.11 -9.41 0.14
N ALA A 75 11.44 -9.27 0.26
CA ALA A 75 12.10 -8.02 -0.10
C ALA A 75 11.83 -7.70 -1.56
N ASP A 76 11.95 -8.71 -2.41
CA ASP A 76 11.69 -8.56 -3.84
C ASP A 76 10.19 -8.31 -4.09
N LEU A 77 9.34 -8.93 -3.29
CA LEU A 77 7.91 -8.75 -3.41
C LEU A 77 7.55 -7.29 -3.16
N VAL A 78 8.10 -6.74 -2.08
CA VAL A 78 7.86 -5.36 -1.71
C VAL A 78 8.45 -4.40 -2.74
N SER A 79 9.64 -4.73 -3.23
CA SER A 79 10.34 -3.87 -4.20
C SER A 79 9.52 -3.81 -5.48
N TYR A 80 9.06 -4.98 -5.94
CA TYR A 80 8.13 -5.07 -7.04
C TYR A 80 6.87 -4.25 -6.75
N SER A 81 6.35 -4.42 -5.53
CA SER A 81 5.10 -3.78 -5.14
C SER A 81 5.23 -2.26 -5.05
N ILE A 82 6.42 -1.78 -4.70
CA ILE A 82 6.66 -0.34 -4.67
C ILE A 82 6.57 0.23 -6.08
N GLN A 83 7.14 -0.47 -7.04
CA GLN A 83 7.06 -0.04 -8.44
C GLN A 83 5.61 0.09 -8.90
N LYS A 84 4.79 -0.88 -8.51
CA LYS A 84 3.39 -0.92 -8.94
C LYS A 84 2.58 0.20 -8.29
N VAL A 85 2.91 0.50 -7.04
CA VAL A 85 2.24 1.59 -6.33
C VAL A 85 2.58 2.94 -6.96
N ILE A 86 3.82 3.10 -7.40
CA ILE A 86 4.22 4.30 -8.12
C ILE A 86 3.45 4.43 -9.42
N GLY A 87 3.37 3.33 -10.18
CA GLY A 87 2.60 3.34 -11.40
C GLY A 87 1.14 3.73 -11.17
N PHE A 88 0.58 3.29 -10.06
CA PHE A 88 -0.79 3.64 -9.70
C PHE A 88 -0.88 5.11 -9.28
N ALA A 89 0.11 5.57 -8.54
CA ALA A 89 0.10 6.93 -7.99
C ALA A 89 0.13 7.98 -9.10
N LYS A 90 0.91 7.71 -10.14
CA LYS A 90 1.08 8.66 -11.23
C LYS A 90 -0.24 8.94 -11.95
N MET A 91 -1.16 7.99 -11.87
CA MET A 91 -2.42 8.08 -12.60
C MET A 91 -3.54 8.66 -11.74
N ILE A 92 -3.23 8.97 -10.48
CA ILE A 92 -4.20 9.62 -9.60
C ILE A 92 -4.42 11.06 -10.07
N PRO A 93 -5.65 11.38 -10.53
CA PRO A 93 -5.98 12.72 -11.01
C PRO A 93 -5.51 13.83 -10.06
N GLY A 94 -4.59 14.66 -10.55
CA GLY A 94 -4.09 15.77 -9.75
C GLY A 94 -2.71 15.52 -9.19
N PHE A 95 -2.34 14.26 -9.06
CA PHE A 95 -1.04 13.90 -8.48
C PHE A 95 0.11 14.48 -9.32
N ARG A 96 -0.11 14.54 -10.63
CA ARG A 96 0.90 15.06 -11.56
C ARG A 96 1.15 16.55 -11.34
N ASP A 97 0.12 17.26 -10.92
CA ASP A 97 0.21 18.71 -10.75
C ASP A 97 1.15 19.10 -9.61
N LEU A 98 1.48 18.13 -8.76
CA LEU A 98 2.37 18.38 -7.63
C LEU A 98 3.82 18.45 -8.09
N THR A 99 4.69 19.01 -7.25
CA THR A 99 6.12 19.04 -7.55
C THR A 99 6.69 17.64 -7.39
N SER A 100 7.82 17.39 -8.04
CA SER A 100 8.45 16.07 -7.95
C SER A 100 8.84 15.79 -6.51
N ASP A 101 9.24 16.83 -5.78
CA ASP A 101 9.67 16.67 -4.40
C ASP A 101 8.52 16.24 -3.49
N ASP A 102 7.35 16.84 -3.69
CA ASP A 102 6.17 16.44 -2.94
C ASP A 102 5.70 15.06 -3.37
N GLN A 103 5.83 14.76 -4.66
CA GLN A 103 5.54 13.42 -5.16
C GLN A 103 6.41 12.40 -4.43
N ILE A 104 7.69 12.73 -4.27
CA ILE A 104 8.64 11.83 -3.64
C ILE A 104 8.28 11.58 -2.18
N VAL A 105 7.95 12.66 -1.48
CA VAL A 105 7.67 12.59 -0.05
C VAL A 105 6.42 11.75 0.22
N LEU A 106 5.39 11.94 -0.60
CA LEU A 106 4.13 11.23 -0.41
C LEU A 106 4.31 9.73 -0.62
N LEU A 107 5.01 9.36 -1.68
CA LEU A 107 5.23 7.94 -1.98
C LEU A 107 6.14 7.28 -0.96
N LYS A 108 7.17 8.00 -0.55
CA LYS A 108 8.18 7.45 0.35
C LYS A 108 7.57 7.12 1.71
N SER A 109 6.54 7.88 2.10
CA SER A 109 5.92 7.70 3.40
C SER A 109 4.66 6.83 3.34
N SER A 110 4.01 6.80 2.18
CA SER A 110 2.77 6.04 2.03
C SER A 110 3.01 4.62 1.51
N ALA A 111 4.20 4.39 0.95
CA ALA A 111 4.49 3.18 0.20
C ALA A 111 4.09 1.91 0.97
N ILE A 112 4.59 1.79 2.19
CA ILE A 112 4.34 0.59 2.98
C ILE A 112 2.86 0.49 3.35
N GLU A 113 2.22 1.63 3.56
CA GLU A 113 0.81 1.66 3.89
C GLU A 113 -0.04 1.18 2.71
N VAL A 114 0.29 1.65 1.51
CA VAL A 114 -0.45 1.30 0.32
C VAL A 114 -0.25 -0.17 -0.05
N ILE A 115 0.93 -0.69 0.24
CA ILE A 115 1.22 -2.09 -0.01
C ILE A 115 0.44 -2.98 0.97
N MET A 116 0.35 -2.54 2.21
CA MET A 116 -0.46 -3.25 3.20
C MET A 116 -1.93 -3.21 2.81
N LEU A 117 -2.38 -2.08 2.28
CA LEU A 117 -3.76 -1.94 1.82
C LEU A 117 -4.04 -2.84 0.63
N ARG A 118 -3.23 -2.71 -0.42
CA ARG A 118 -3.46 -3.43 -1.66
C ARG A 118 -3.28 -4.93 -1.45
N SER A 119 -2.53 -5.31 -0.42
CA SER A 119 -2.29 -6.71 -0.12
C SER A 119 -3.56 -7.40 0.35
N ASN A 120 -4.52 -6.61 0.81
CA ASN A 120 -5.80 -7.14 1.28
C ASN A 120 -6.48 -7.98 0.19
N GLN A 121 -6.15 -7.68 -1.07
CA GLN A 121 -6.77 -8.37 -2.20
C GLN A 121 -6.36 -9.84 -2.26
N SER A 122 -5.18 -10.16 -1.73
CA SER A 122 -4.69 -11.54 -1.72
C SER A 122 -4.86 -12.18 -0.35
N PHE A 123 -5.30 -11.39 0.62
CA PHE A 123 -5.44 -11.89 1.98
C PHE A 123 -6.76 -12.63 2.15
N THR A 124 -6.68 -13.87 2.63
CA THR A 124 -7.86 -14.69 2.86
C THR A 124 -8.05 -14.95 4.35
N MET A 125 -9.28 -14.79 4.83
CA MET A 125 -9.58 -15.03 6.24
C MET A 125 -9.75 -16.52 6.53
N ASP A 126 -9.71 -17.33 5.47
CA ASP A 126 -9.86 -18.77 5.61
C ASP A 126 -8.74 -19.38 6.45
N ASP A 127 -7.62 -18.65 6.58
CA ASP A 127 -6.51 -19.11 7.40
C ASP A 127 -5.54 -17.98 7.75
N MET A 128 -5.96 -16.75 7.50
CA MET A 128 -5.17 -15.58 7.89
C MET A 128 -3.84 -15.52 7.15
N SER A 129 -3.86 -15.76 5.84
CA SER A 129 -2.64 -15.69 5.04
C SER A 129 -2.88 -14.95 3.74
N TRP A 130 -1.83 -14.37 3.19
CA TRP A 130 -1.87 -13.76 1.86
C TRP A 130 -1.66 -14.84 0.81
N ASP A 131 -2.73 -15.19 0.10
CA ASP A 131 -2.69 -16.29 -0.87
C ASP A 131 -2.51 -15.74 -2.28
N CYS A 132 -1.30 -15.86 -2.81
CA CYS A 132 -0.99 -15.35 -4.13
C CYS A 132 -0.78 -16.45 -5.16
N GLY A 133 -1.87 -17.18 -5.45
CA GLY A 133 -1.84 -18.13 -6.55
C GLY A 133 -1.47 -19.56 -6.16
N SER A 134 -0.32 -19.72 -5.52
CA SER A 134 0.20 -21.04 -5.20
C SER A 134 0.58 -21.18 -3.74
N GLN A 135 1.00 -22.38 -3.36
CA GLN A 135 1.40 -22.65 -1.98
C GLN A 135 2.74 -21.97 -1.68
N ASP A 136 3.63 -22.00 -2.66
CA ASP A 136 4.94 -21.36 -2.51
C ASP A 136 4.77 -19.87 -2.30
N TYR A 137 3.78 -19.30 -2.97
CA TYR A 137 3.50 -17.88 -2.87
C TYR A 137 2.26 -17.62 -2.00
N LYS A 138 2.12 -18.44 -0.96
CA LYS A 138 1.14 -18.19 0.08
C LYS A 138 1.88 -17.87 1.37
N TYR A 139 1.62 -16.68 1.93
CA TYR A 139 2.42 -16.19 3.04
C TYR A 139 1.60 -16.05 4.32
N ASP A 140 2.13 -16.56 5.42
CA ASP A 140 1.45 -16.48 6.71
C ASP A 140 2.34 -15.86 7.79
N VAL A 141 1.87 -15.91 9.03
CA VAL A 141 2.55 -15.27 10.14
C VAL A 141 4.02 -15.68 10.26
N THR A 142 4.27 -16.98 10.16
CA THR A 142 5.61 -17.50 10.35
C THR A 142 6.54 -17.04 9.22
N ASP A 143 5.98 -16.87 8.02
CA ASP A 143 6.75 -16.40 6.89
C ASP A 143 7.22 -14.96 7.10
N VAL A 144 6.35 -14.14 7.68
CA VAL A 144 6.71 -12.76 7.98
C VAL A 144 7.72 -12.73 9.13
N SER A 145 7.61 -13.67 10.05
CA SER A 145 8.57 -13.80 11.14
C SER A 145 9.96 -14.06 10.58
N LYS A 146 10.04 -14.97 9.61
CA LYS A 146 11.30 -15.30 8.98
C LYS A 146 11.69 -14.25 7.94
N ALA A 147 11.02 -13.12 8.00
CA ALA A 147 11.42 -11.95 7.22
C ALA A 147 12.10 -10.94 8.14
N GLY A 148 12.00 -11.18 9.45
CA GLY A 148 12.68 -10.32 10.41
C GLY A 148 11.77 -9.43 11.23
N HIS A 149 10.50 -9.80 11.34
CA HIS A 149 9.55 -8.98 12.09
C HIS A 149 8.99 -9.70 13.31
N THR A 150 8.70 -8.94 14.36
CA THR A 150 8.15 -9.47 15.60
C THR A 150 6.63 -9.41 15.55
N LEU A 151 5.99 -10.01 16.56
CA LEU A 151 4.53 -10.04 16.62
C LEU A 151 3.96 -8.65 16.88
N GLU A 152 4.81 -7.75 17.38
CA GLU A 152 4.38 -6.40 17.70
C GLU A 152 3.86 -5.66 16.46
N LEU A 153 4.25 -6.17 15.29
CA LEU A 153 3.75 -5.64 14.02
C LEU A 153 2.79 -6.63 13.37
N ILE A 154 3.15 -7.90 13.39
CA ILE A 154 2.43 -8.91 12.63
C ILE A 154 1.00 -9.10 13.09
N GLU A 155 0.77 -9.07 14.40
CA GLU A 155 -0.57 -9.28 14.92
C GLU A 155 -1.50 -8.15 14.47
N PRO A 156 -1.09 -6.89 14.71
CA PRO A 156 -1.94 -5.77 14.29
C PRO A 156 -2.05 -5.60 12.77
N LEU A 157 -1.08 -6.16 12.05
CA LEU A 157 -1.14 -6.15 10.59
C LEU A 157 -2.23 -7.10 10.09
N ILE A 158 -2.30 -8.28 10.72
CA ILE A 158 -3.35 -9.25 10.39
C ILE A 158 -4.69 -8.72 10.88
N LYS A 159 -4.70 -8.14 12.07
CA LYS A 159 -5.90 -7.53 12.63
C LYS A 159 -6.43 -6.51 11.62
N PHE A 160 -5.52 -5.75 11.03
CA PHE A 160 -5.88 -4.75 10.02
C PHE A 160 -6.48 -5.43 8.79
N GLN A 161 -5.81 -6.46 8.30
CA GLN A 161 -6.27 -7.20 7.11
C GLN A 161 -7.66 -7.76 7.37
N VAL A 162 -7.87 -8.33 8.55
CA VAL A 162 -9.16 -8.89 8.93
C VAL A 162 -10.23 -7.81 9.01
N GLY A 163 -9.87 -6.67 9.62
CA GLY A 163 -10.83 -5.60 9.79
C GLY A 163 -11.17 -4.91 8.49
N LEU A 164 -10.20 -4.85 7.59
CA LEU A 164 -10.42 -4.25 6.27
C LEU A 164 -11.25 -5.19 5.41
N LYS A 165 -10.98 -6.48 5.52
CA LYS A 165 -11.68 -7.48 4.72
C LYS A 165 -13.15 -7.51 5.08
N LYS A 166 -13.45 -7.42 6.38
CA LYS A 166 -14.83 -7.49 6.85
C LYS A 166 -15.67 -6.31 6.39
N LEU A 167 -15.02 -5.29 5.82
CA LEU A 167 -15.74 -4.14 5.30
C LEU A 167 -16.32 -4.45 3.92
N ASN A 168 -15.78 -5.49 3.28
CA ASN A 168 -16.26 -5.91 1.97
C ASN A 168 -16.40 -4.69 1.05
N LEU A 169 -15.31 -3.95 0.89
CA LEU A 169 -15.34 -2.74 0.08
C LEU A 169 -15.64 -3.09 -1.37
N HIS A 170 -16.37 -2.20 -2.05
CA HIS A 170 -16.43 -2.24 -3.50
C HIS A 170 -15.03 -1.92 -4.02
N GLU A 171 -14.65 -2.51 -5.15
CA GLU A 171 -13.32 -2.26 -5.68
C GLU A 171 -13.15 -0.78 -5.96
N GLU A 172 -14.27 -0.08 -6.12
CA GLU A 172 -14.25 1.36 -6.35
C GLU A 172 -13.78 2.09 -5.09
N GLU A 173 -14.22 1.61 -3.93
CA GLU A 173 -13.86 2.21 -2.67
C GLU A 173 -12.45 1.80 -2.27
N HIS A 174 -12.04 0.62 -2.72
CA HIS A 174 -10.71 0.11 -2.48
C HIS A 174 -9.65 1.02 -3.12
N VAL A 175 -9.84 1.35 -4.39
CA VAL A 175 -8.87 2.14 -5.13
C VAL A 175 -8.88 3.61 -4.69
N LEU A 176 -10.03 4.09 -4.25
CA LEU A 176 -10.14 5.45 -3.71
C LEU A 176 -9.38 5.57 -2.40
N LEU A 177 -9.46 4.55 -1.56
CA LEU A 177 -8.80 4.57 -0.26
C LEU A 177 -7.28 4.62 -0.41
N MET A 178 -6.75 3.89 -1.39
CA MET A 178 -5.31 3.87 -1.65
C MET A 178 -4.83 5.22 -2.17
N ALA A 179 -5.64 5.85 -3.01
CA ALA A 179 -5.30 7.16 -3.57
C ALA A 179 -5.34 8.22 -2.47
N ILE A 180 -6.38 8.17 -1.65
CA ILE A 180 -6.52 9.09 -0.52
C ILE A 180 -5.38 8.89 0.47
N CYS A 181 -4.93 7.65 0.61
CA CYS A 181 -3.82 7.34 1.49
C CYS A 181 -2.52 7.95 0.97
N ILE A 182 -2.34 7.91 -0.34
CA ILE A 182 -1.13 8.41 -0.98
C ILE A 182 -1.05 9.94 -0.92
N VAL A 183 -2.19 10.59 -1.13
CA VAL A 183 -2.24 12.04 -1.15
C VAL A 183 -2.70 12.59 0.20
N SER A 184 -1.86 12.43 1.22
CA SER A 184 -2.15 12.95 2.55
C SER A 184 -1.33 14.21 2.82
N PRO A 185 -2.02 15.34 3.06
CA PRO A 185 -1.38 16.64 3.33
C PRO A 185 -0.43 16.66 4.53
N ASP A 186 -0.67 15.78 5.50
CA ASP A 186 0.04 15.84 6.77
C ASP A 186 1.36 15.08 6.77
N ARG A 187 1.71 14.48 5.64
CA ARG A 187 2.99 13.77 5.55
C ARG A 187 4.13 14.72 5.86
N PRO A 188 5.09 14.28 6.69
CA PRO A 188 6.23 15.12 7.05
C PRO A 188 7.14 15.43 5.85
N GLY A 189 7.29 16.71 5.55
CA GLY A 189 8.18 17.12 4.48
C GLY A 189 7.45 17.67 3.27
N VAL A 190 6.12 17.68 3.34
CA VAL A 190 5.33 18.20 2.25
C VAL A 190 5.41 19.72 2.21
N GLN A 191 5.49 20.28 1.01
CA GLN A 191 5.56 21.73 0.86
C GLN A 191 4.19 22.32 0.56
N ASP A 192 3.68 22.07 -0.63
CA ASP A 192 2.38 22.61 -1.02
C ASP A 192 1.25 21.74 -0.49
N ALA A 193 1.15 21.66 0.83
CA ALA A 193 0.13 20.86 1.49
C ALA A 193 -1.27 21.30 1.06
N LYS A 194 -1.40 22.57 0.71
CA LYS A 194 -2.68 23.12 0.26
C LYS A 194 -3.15 22.41 -1.00
N LEU A 195 -2.26 22.24 -1.96
CA LEU A 195 -2.59 21.56 -3.22
C LEU A 195 -2.86 20.09 -2.92
N VAL A 196 -2.01 19.49 -2.10
CA VAL A 196 -2.16 18.10 -1.71
C VAL A 196 -3.53 17.90 -1.05
N GLU A 197 -3.91 18.85 -0.21
CA GLU A 197 -5.17 18.75 0.52
C GLU A 197 -6.36 18.94 -0.40
N ALA A 198 -6.15 19.67 -1.49
CA ALA A 198 -7.23 19.92 -2.45
C ALA A 198 -7.39 18.71 -3.38
N ILE A 199 -6.31 17.99 -3.61
CA ILE A 199 -6.37 16.76 -4.39
C ILE A 199 -7.07 15.67 -3.57
N GLN A 200 -6.71 15.58 -2.29
CA GLN A 200 -7.28 14.55 -1.42
C GLN A 200 -8.76 14.79 -1.17
N ASP A 201 -9.12 16.04 -0.91
CA ASP A 201 -10.51 16.39 -0.64
C ASP A 201 -11.41 16.01 -1.81
N ARG A 202 -10.97 16.34 -3.01
CA ARG A 202 -11.73 15.98 -4.20
C ARG A 202 -11.90 14.47 -4.28
N LEU A 203 -10.96 13.74 -3.68
CA LEU A 203 -11.02 12.28 -3.63
C LEU A 203 -11.92 11.81 -2.48
N SER A 204 -11.85 12.51 -1.36
CA SER A 204 -12.70 12.21 -0.21
C SER A 204 -14.17 12.37 -0.63
N ASN A 205 -14.48 13.51 -1.23
CA ASN A 205 -15.83 13.82 -1.64
C ASN A 205 -16.34 12.82 -2.68
N THR A 206 -15.44 12.31 -3.51
CA THR A 206 -15.79 11.31 -4.51
C THR A 206 -16.14 10.00 -3.81
N LEU A 207 -15.41 9.68 -2.75
CA LEU A 207 -15.65 8.46 -1.99
C LEU A 207 -16.94 8.56 -1.18
N GLN A 208 -17.07 9.65 -0.44
CA GLN A 208 -18.27 9.86 0.38
C GLN A 208 -19.52 9.79 -0.48
N THR A 209 -19.50 10.48 -1.61
CA THR A 209 -20.65 10.52 -2.50
C THR A 209 -20.93 9.14 -3.12
N TYR A 210 -19.87 8.39 -3.41
CA TYR A 210 -20.02 7.06 -3.98
C TYR A 210 -20.70 6.12 -2.99
N ILE A 211 -20.32 6.21 -1.72
CA ILE A 211 -20.88 5.35 -0.69
C ILE A 211 -22.38 5.57 -0.56
N ARG A 212 -22.80 6.83 -0.71
CA ARG A 212 -24.21 7.19 -0.60
C ARG A 212 -25.03 6.58 -1.74
N CYS A 213 -24.52 6.69 -2.95
CA CYS A 213 -25.29 6.34 -4.13
C CYS A 213 -25.17 4.87 -4.52
N ARG A 214 -23.98 4.30 -4.33
CA ARG A 214 -23.68 2.99 -4.90
C ARG A 214 -23.58 1.88 -3.87
N HIS A 215 -23.32 2.24 -2.61
CA HIS A 215 -23.21 1.24 -1.56
C HIS A 215 -24.48 1.18 -0.73
N PRO A 216 -25.30 0.14 -0.93
CA PRO A 216 -26.57 -0.02 -0.20
C PRO A 216 -26.37 -0.45 1.26
N PRO A 217 -27.34 -0.12 2.12
CA PRO A 217 -27.26 -0.48 3.54
C PRO A 217 -27.51 -1.98 3.75
N PRO A 218 -27.08 -2.52 4.90
CA PRO A 218 -26.41 -1.83 6.00
C PRO A 218 -24.90 -1.68 5.78
N GLY A 219 -24.38 -2.37 4.77
CA GLY A 219 -22.94 -2.38 4.53
C GLY A 219 -22.33 -1.00 4.36
N SER A 220 -23.17 0.01 4.15
CA SER A 220 -22.69 1.38 3.96
C SER A 220 -22.64 2.13 5.29
N HIS A 221 -23.17 1.51 6.34
CA HIS A 221 -23.27 2.15 7.64
C HIS A 221 -21.89 2.52 8.19
N GLN A 222 -21.67 3.82 8.39
CA GLN A 222 -20.42 4.32 8.96
C GLN A 222 -19.24 4.00 8.06
N LEU A 223 -19.54 3.56 6.83
CA LEU A 223 -18.51 3.01 5.96
C LEU A 223 -17.34 3.96 5.74
N TYR A 224 -17.64 5.23 5.51
CA TYR A 224 -16.58 6.21 5.30
C TYR A 224 -15.75 6.39 6.56
N ALA A 225 -16.43 6.48 7.70
CA ALA A 225 -15.76 6.69 8.98
C ALA A 225 -14.85 5.51 9.29
N LYS A 226 -15.27 4.31 8.90
CA LYS A 226 -14.49 3.11 9.15
C LYS A 226 -13.29 3.02 8.22
N MET A 227 -13.42 3.58 7.02
CA MET A 227 -12.34 3.58 6.05
C MET A 227 -11.25 4.56 6.46
N ILE A 228 -11.65 5.75 6.90
CA ILE A 228 -10.70 6.75 7.37
C ILE A 228 -9.95 6.23 8.58
N GLN A 229 -10.64 5.48 9.43
CA GLN A 229 -10.03 4.90 10.62
C GLN A 229 -8.92 3.91 10.22
N LYS A 230 -9.10 3.26 9.08
CA LYS A 230 -8.08 2.34 8.57
C LYS A 230 -6.81 3.08 8.19
N LEU A 231 -6.98 4.32 7.71
CA LEU A 231 -5.84 5.17 7.42
C LEU A 231 -5.09 5.51 8.71
N ALA A 232 -5.83 5.57 9.81
CA ALA A 232 -5.22 5.77 11.12
C ALA A 232 -4.43 4.54 11.55
N ASP A 233 -5.02 3.36 11.35
CA ASP A 233 -4.34 2.11 11.68
C ASP A 233 -3.07 1.97 10.87
N LEU A 234 -3.13 2.37 9.60
CA LEU A 234 -1.97 2.30 8.71
C LEU A 234 -0.84 3.22 9.17
N ARG A 235 -1.20 4.39 9.68
CA ARG A 235 -0.21 5.30 10.26
C ARG A 235 0.54 4.60 11.38
N SER A 236 -0.21 3.94 12.26
CA SER A 236 0.38 3.20 13.37
C SER A 236 1.23 2.04 12.87
N LEU A 237 0.71 1.31 11.89
CA LEU A 237 1.45 0.19 11.31
C LEU A 237 2.72 0.68 10.64
N ASN A 238 2.61 1.80 9.93
CA ASN A 238 3.77 2.40 9.27
C ASN A 238 4.83 2.72 10.32
N GLU A 239 4.41 3.38 11.39
CA GLU A 239 5.31 3.77 12.47
C GLU A 239 6.02 2.56 13.08
N GLU A 240 5.28 1.46 13.21
CA GLU A 240 5.85 0.25 13.81
C GLU A 240 6.75 -0.47 12.82
N HIS A 241 6.37 -0.46 11.54
CA HIS A 241 7.17 -1.10 10.51
C HIS A 241 8.53 -0.43 10.37
N SER A 242 8.53 0.90 10.33
CA SER A 242 9.77 1.66 10.19
C SER A 242 10.73 1.30 11.32
N LYS A 243 10.18 1.24 12.53
CA LYS A 243 10.95 0.90 13.72
C LYS A 243 11.67 -0.43 13.52
N GLN A 244 10.90 -1.44 13.09
CA GLN A 244 11.46 -2.77 12.90
C GLN A 244 12.35 -2.86 11.67
N TYR A 245 12.06 -2.03 10.66
CA TYR A 245 12.86 -2.02 9.45
C TYR A 245 14.28 -1.52 9.74
N ARG A 246 14.37 -0.46 10.54
CA ARG A 246 15.66 0.11 10.89
C ARG A 246 16.50 -0.87 11.70
N SER A 247 15.84 -1.65 12.55
CA SER A 247 16.54 -2.64 13.37
C SER A 247 17.11 -3.74 12.49
N LEU A 248 16.33 -4.17 11.50
CA LEU A 248 16.79 -5.17 10.55
C LEU A 248 17.83 -4.61 9.59
N SER A 249 17.61 -3.38 9.14
CA SER A 249 18.50 -2.75 8.16
C SER A 249 19.80 -2.31 8.82
N PHE A 250 19.87 -2.41 10.14
CA PHE A 250 21.07 -1.98 10.86
C PHE A 250 22.23 -2.92 10.59
N GLN A 251 21.96 -4.22 10.56
CA GLN A 251 22.97 -5.20 10.19
C GLN A 251 23.17 -5.21 8.67
N PRO A 252 24.34 -4.78 8.20
CA PRO A 252 24.63 -4.75 6.76
C PRO A 252 24.40 -6.10 6.09
N GLU A 253 24.47 -7.17 6.86
CA GLU A 253 24.27 -8.51 6.32
C GLU A 253 22.83 -8.71 5.88
N ASN A 254 21.90 -8.04 6.57
CA ASN A 254 20.50 -8.09 6.21
C ASN A 254 20.19 -7.06 5.14
N SER A 255 20.81 -5.90 5.28
CA SER A 255 20.65 -4.82 4.31
C SER A 255 21.04 -5.29 2.92
N MET A 256 21.97 -6.23 2.84
CA MET A 256 22.42 -6.79 1.58
C MET A 256 21.29 -7.54 0.87
N LYS A 257 20.42 -8.16 1.65
CA LYS A 257 19.41 -9.05 1.13
C LYS A 257 18.26 -8.26 0.51
N LEU A 258 18.21 -6.97 0.80
CA LEU A 258 17.18 -6.10 0.26
C LEU A 258 17.53 -5.67 -1.17
N THR A 259 16.71 -4.80 -1.75
CA THR A 259 16.97 -4.31 -3.10
C THR A 259 17.31 -2.82 -3.05
N PRO A 260 17.93 -2.31 -4.13
CA PRO A 260 18.31 -0.88 -4.18
C PRO A 260 17.10 0.05 -4.06
N LEU A 261 15.97 -0.35 -4.64
CA LEU A 261 14.76 0.46 -4.56
C LEU A 261 14.22 0.49 -3.14
N VAL A 262 14.11 -0.69 -2.53
CA VAL A 262 13.63 -0.80 -1.16
C VAL A 262 14.51 0.00 -0.21
N LEU A 263 15.81 0.02 -0.46
CA LEU A 263 16.73 0.81 0.35
C LEU A 263 16.53 2.30 0.14
N GLU A 264 16.27 2.69 -1.10
CA GLU A 264 16.12 4.11 -1.43
C GLU A 264 14.85 4.68 -0.83
N VAL A 265 13.78 3.89 -0.85
CA VAL A 265 12.47 4.36 -0.40
C VAL A 265 12.26 4.19 1.10
N PHE A 266 12.71 3.07 1.64
CA PHE A 266 12.53 2.80 3.07
C PHE A 266 13.65 3.37 3.93
N GLY A 267 14.65 3.95 3.28
CA GLY A 267 15.70 4.63 4.01
C GLY A 267 17.01 3.86 4.07
N ASN A 268 18.12 4.59 4.18
CA ASN A 268 19.45 3.98 4.25
C ASN A 268 20.14 4.32 5.57
N LYS B 1 15.12 14.30 -2.83
CA LYS B 1 16.59 14.44 -2.57
C LYS B 1 17.23 13.09 -2.31
N ASN B 2 18.26 12.76 -3.10
CA ASN B 2 18.99 11.51 -2.95
C ASN B 2 18.17 10.30 -3.45
N HIS B 3 17.12 10.57 -4.21
CA HIS B 3 16.24 9.51 -4.69
C HIS B 3 16.26 9.40 -6.21
N PRO B 4 17.35 8.83 -6.77
CA PRO B 4 17.49 8.66 -8.22
C PRO B 4 16.40 7.78 -8.83
N MET B 5 16.14 6.64 -8.20
CA MET B 5 15.30 5.61 -8.78
C MET B 5 13.82 5.93 -8.66
N LEU B 6 13.41 6.44 -7.51
CA LEU B 6 12.02 6.84 -7.29
C LEU B 6 11.68 8.01 -8.20
N MET B 7 12.68 8.86 -8.46
CA MET B 7 12.49 10.00 -9.34
C MET B 7 12.28 9.54 -10.78
N ASN B 8 13.01 8.50 -11.15
CA ASN B 8 12.96 7.98 -12.52
C ASN B 8 11.65 7.24 -12.80
N LEU B 9 11.15 6.55 -11.79
CA LEU B 9 9.90 5.79 -11.92
C LEU B 9 8.69 6.72 -12.01
N LEU B 10 8.82 7.91 -11.41
CA LEU B 10 7.79 8.93 -11.55
C LEU B 10 7.92 9.63 -12.90
N LYS B 11 8.62 8.97 -13.83
CA LYS B 11 8.87 9.51 -15.15
C LYS B 11 9.82 10.71 -15.10
C12 5YI C . 4.51 -9.65 4.48
C13 5YI C . 4.62 -8.20 3.87
C14 5YI C . 3.17 -7.73 3.59
C15 5YI C . 3.36 -6.24 3.28
C16 5YI C . 4.27 -5.92 4.49
C21 5YI C . 6.17 -5.83 6.75
C23 5YI C . 8.36 -6.34 4.44
C24 5YI C . 9.69 -5.76 4.95
C29 5YI C . 10.82 -8.11 4.19
C27 5YI C . 10.74 -6.91 5.17
C26 5YI C . 10.18 -4.64 3.95
C28 5YI C . 10.74 -5.02 2.57
O03 5YI C . 9.45 -5.13 6.21
S22 5YI C . 7.66 -7.76 5.40
C20 5YI C . 6.03 -7.17 5.99
C17 5YI C . 4.99 -7.04 4.82
C18 5YI C . 5.68 -8.20 2.68
C11 5YI C . 3.80 -10.68 3.54
C09 5YI C . 2.45 -10.15 2.95
C08 5YI C . 2.56 -8.66 2.47
C07 5YI C . 2.17 -8.20 1.20
C06 5YI C . 1.63 -9.01 0.17
C05 5YI C . 1.51 -8.65 -1.17
C10 5YI C . 1.96 -7.26 -1.74
C01 5YI C . 0.98 -6.70 -2.82
O01 5YI C . 1.62 -5.61 -3.50
C04 5YI C . 0.89 -9.72 -2.12
C03 5YI C . -0.01 -9.14 -3.24
O02 5YI C . -1.30 -8.88 -2.71
C02 5YI C . 0.58 -7.82 -3.82
C30 5YI C . 0.76 -7.63 -5.21
C31 5YI C . 0.48 -8.47 -6.28
O04 5YI C . 1.40 -8.22 -7.33
#